data_2OQA
#
_entry.id   2OQA
#
_cell.length_a   39.135
_cell.length_b   46.813
_cell.length_c   83.571
_cell.angle_alpha   89.07
_cell.angle_beta   80.01
_cell.angle_gamma   72.14
#
_symmetry.space_group_name_H-M   'P 1'
#
loop_
_entity.id
_entity.type
_entity.pdbx_description
1 polymer 'Luffaculin 1'
2 non-polymer 2-acetamido-2-deoxy-beta-D-glucopyranose
3 non-polymer 'TETRAETHYLENE GLYCOL'
4 non-polymer DI(HYDROXYETHYL)ETHER
5 water water
#
_entity_poly.entity_id   1
_entity_poly.type   'polypeptide(L)'
_entity_poly.pdbx_seq_one_letter_code
;DVSFSLSGSSSTSYSKFIGALRKALPSNGTVYNITLLLSSASGASRYTLMKLSNYDGKAITVAIDVTNVYIMGYLVNSTS
YFFNESDAKLASQYVFAGSTIVTLPYSGNYEKLQTAAGKIREKIPLGFPALDSAITTLFHYDSTAAAAAFLVIIQTTAES
SRFKYIEGQIIMRISKNGVPSLATISLENEWSALSKQIQLAQTNNGTFKTPVVIMDAGGQRVEIGNVGSKVVTKNIQLLL
N
;
_entity_poly.pdbx_strand_id   A,B
#
loop_
_chem_comp.id
_chem_comp.type
_chem_comp.name
_chem_comp.formula
NAG D-saccharide, beta linking 2-acetamido-2-deoxy-beta-D-glucopyranose 'C8 H15 N O6'
PEG non-polymer DI(HYDROXYETHYL)ETHER 'C4 H10 O3'
PG4 non-polymer 'TETRAETHYLENE GLYCOL' 'C8 H18 O5'
#
# COMPACT_ATOMS: atom_id res chain seq x y z
N ASP A 1 -10.91 1.71 2.64
CA ASP A 1 -11.93 1.03 1.78
C ASP A 1 -12.46 1.98 0.71
N VAL A 2 -13.07 1.41 -0.33
CA VAL A 2 -13.86 2.20 -1.28
C VAL A 2 -15.34 1.86 -1.11
N SER A 3 -16.21 2.73 -1.62
CA SER A 3 -17.65 2.50 -1.51
C SER A 3 -18.41 3.06 -2.71
N PHE A 4 -19.51 2.39 -3.06
CA PHE A 4 -20.45 2.89 -4.04
C PHE A 4 -21.86 2.70 -3.53
N SER A 5 -22.62 3.80 -3.53
CA SER A 5 -24.01 3.78 -3.13
C SER A 5 -24.91 3.99 -4.32
N LEU A 6 -25.80 3.05 -4.58
CA LEU A 6 -26.75 3.22 -5.67
C LEU A 6 -27.75 4.34 -5.38
N SER A 7 -28.15 4.51 -4.12
CA SER A 7 -29.07 5.59 -3.78
C SER A 7 -28.38 6.94 -4.01
N GLY A 8 -28.99 7.74 -4.88
CA GLY A 8 -28.43 9.05 -5.22
C GLY A 8 -27.34 8.99 -6.27
N SER A 9 -27.13 7.81 -6.86
CA SER A 9 -26.03 7.62 -7.82
C SER A 9 -26.25 8.35 -9.13
N SER A 10 -25.14 8.60 -9.81
CA SER A 10 -25.11 9.28 -11.10
C SER A 10 -23.93 8.72 -11.89
N SER A 11 -23.82 9.10 -13.16
CA SER A 11 -22.64 8.77 -13.95
C SER A 11 -21.38 9.27 -13.24
N THR A 12 -21.48 10.48 -12.67
CA THR A 12 -20.36 11.12 -11.97
C THR A 12 -19.94 10.33 -10.72
N SER A 13 -20.89 9.94 -9.88
CA SER A 13 -20.54 9.21 -8.65
C SER A 13 -20.01 7.80 -8.95
N TYR A 14 -20.51 7.18 -10.01
CA TYR A 14 -20.00 5.88 -10.45
C TYR A 14 -18.54 5.98 -10.91
N SER A 15 -18.26 6.97 -11.76
CA SER A 15 -16.90 7.19 -12.22
C SER A 15 -15.94 7.51 -11.06
N LYS A 16 -16.41 8.28 -10.07
CA LYS A 16 -15.62 8.56 -8.89
C LYS A 16 -15.28 7.27 -8.16
N PHE A 17 -16.28 6.41 -8.00
CA PHE A 17 -16.09 5.12 -7.35
C PHE A 17 -15.07 4.25 -8.09
N ILE A 18 -15.23 4.12 -9.40
CA ILE A 18 -14.27 3.33 -10.18
C ILE A 18 -12.85 3.92 -10.10
N GLY A 19 -12.74 5.25 -10.12
CA GLY A 19 -11.44 5.90 -9.97
C GLY A 19 -10.81 5.63 -8.62
N ALA A 20 -11.64 5.63 -7.59
CA ALA A 20 -11.18 5.34 -6.22
C ALA A 20 -10.70 3.90 -6.10
N LEU A 21 -11.45 2.97 -6.73
CA LEU A 21 -11.03 1.58 -6.75
C LEU A 21 -9.68 1.40 -7.46
N ARG A 22 -9.50 2.03 -8.62
CA ARG A 22 -8.20 1.98 -9.30
C ARG A 22 -7.09 2.54 -8.40
N LYS A 23 -7.37 3.64 -7.72
CA LYS A 23 -6.38 4.28 -6.85
C LYS A 23 -6.03 3.48 -5.60
N ALA A 24 -6.94 2.62 -5.18
CA ALA A 24 -6.77 1.77 -3.99
C ALA A 24 -5.83 0.59 -4.25
N LEU A 25 -5.62 0.25 -5.51
CA LEU A 25 -4.75 -0.86 -5.87
C LEU A 25 -3.29 -0.44 -5.95
N PRO A 26 -2.41 -1.07 -5.16
CA PRO A 26 -0.98 -0.74 -5.19
C PRO A 26 -0.31 -1.10 -6.52
N SER A 27 0.73 -0.37 -6.89
CA SER A 27 1.45 -0.64 -8.14
C SER A 27 2.91 -0.97 -7.88
N ASN A 28 3.55 -1.61 -8.86
CA ASN A 28 5.01 -1.61 -8.91
C ASN A 28 5.43 -0.80 -10.12
N GLY A 29 4.86 0.39 -10.23
CA GLY A 29 5.15 1.31 -11.32
C GLY A 29 4.11 1.26 -12.42
N THR A 30 4.50 1.76 -13.58
CA THR A 30 3.65 1.76 -14.77
C THR A 30 4.42 1.22 -15.96
N VAL A 31 3.68 0.71 -16.93
CA VAL A 31 4.23 0.28 -18.21
C VAL A 31 3.35 0.97 -19.25
N TYR A 32 3.98 1.73 -20.14
CA TYR A 32 3.27 2.59 -21.10
C TYR A 32 2.18 3.44 -20.42
N ASN A 33 2.55 3.99 -19.27
CA ASN A 33 1.67 4.83 -18.44
C ASN A 33 0.42 4.10 -17.92
N ILE A 34 0.46 2.77 -17.91
CA ILE A 34 -0.62 1.97 -17.32
C ILE A 34 -0.14 1.33 -16.02
N THR A 35 -0.95 1.44 -14.98
CA THR A 35 -0.65 0.86 -13.66
C THR A 35 -0.32 -0.63 -13.76
N LEU A 36 0.84 -1.02 -13.23
CA LEU A 36 1.21 -2.42 -13.11
C LEU A 36 0.92 -2.91 -11.70
N LEU A 37 0.06 -3.92 -11.59
CA LEU A 37 -0.30 -4.47 -10.29
C LEU A 37 0.87 -5.17 -9.62
N LEU A 38 0.76 -5.41 -8.32
CA LEU A 38 1.78 -6.15 -7.59
C LEU A 38 1.77 -7.62 -8.01
N SER A 39 2.96 -8.22 -8.06
CA SER A 39 3.09 -9.64 -8.39
C SER A 39 2.72 -10.51 -7.19
N SER A 40 2.86 -9.93 -6.01
CA SER A 40 2.67 -10.65 -4.76
C SER A 40 2.33 -9.67 -3.65
N ALA A 41 1.66 -10.18 -2.62
CA ALA A 41 1.27 -9.41 -1.45
C ALA A 41 1.00 -10.37 -0.31
N SER A 42 1.05 -9.87 0.92
CA SER A 42 0.92 -10.71 2.12
C SER A 42 -0.22 -10.32 3.05
N GLY A 43 -0.86 -11.32 3.66
CA GLY A 43 -1.81 -11.05 4.74
C GLY A 43 -3.00 -10.21 4.33
N ALA A 44 -3.47 -9.40 5.26
CA ALA A 44 -4.61 -8.51 5.01
C ALA A 44 -4.32 -7.48 3.94
N SER A 45 -3.04 -7.13 3.77
CA SER A 45 -2.64 -6.08 2.81
C SER A 45 -2.81 -6.54 1.37
N ARG A 46 -3.11 -7.82 1.17
CA ARG A 46 -3.36 -8.33 -0.16
C ARG A 46 -4.80 -7.99 -0.63
N TYR A 47 -5.60 -7.36 0.23
CA TYR A 47 -7.01 -7.09 -0.06
C TYR A 47 -7.39 -5.64 0.09
N THR A 48 -8.34 -5.23 -0.75
CA THR A 48 -9.04 -3.97 -0.55
C THR A 48 -10.52 -4.28 -0.46
N LEU A 49 -11.22 -3.49 0.34
CA LEU A 49 -12.63 -3.71 0.60
C LEU A 49 -13.47 -2.70 -0.14
N MET A 50 -14.59 -3.18 -0.65
CA MET A 50 -15.47 -2.37 -1.48
C MET A 50 -16.89 -2.51 -0.93
N LYS A 51 -17.41 -1.43 -0.34
CA LYS A 51 -18.77 -1.46 0.20
C LYS A 51 -19.76 -1.08 -0.91
N LEU A 52 -20.77 -1.92 -1.12
CA LEU A 52 -21.79 -1.68 -2.15
C LEU A 52 -23.15 -1.64 -1.50
N SER A 53 -23.92 -0.58 -1.77
CA SER A 53 -25.25 -0.46 -1.18
C SER A 53 -26.29 -0.32 -2.28
N ASN A 54 -27.42 -1.01 -2.12
CA ASN A 54 -28.49 -0.97 -3.12
C ASN A 54 -29.35 0.30 -2.98
N TYR A 55 -30.36 0.46 -3.83
CA TYR A 55 -31.19 1.66 -3.75
C TYR A 55 -31.84 1.85 -2.37
N ASP A 56 -32.21 0.73 -1.74
CA ASP A 56 -32.84 0.73 -0.41
C ASP A 56 -31.84 0.94 0.74
N GLY A 57 -30.57 1.08 0.41
CA GLY A 57 -29.54 1.33 1.40
C GLY A 57 -28.98 0.07 2.07
N LYS A 58 -29.38 -1.10 1.58
CA LYS A 58 -28.87 -2.37 2.12
C LYS A 58 -27.48 -2.63 1.55
N ALA A 59 -26.53 -2.93 2.44
CA ALA A 59 -25.11 -2.96 2.09
C ALA A 59 -24.45 -4.33 2.25
N ILE A 60 -23.49 -4.58 1.37
CA ILE A 60 -22.52 -5.67 1.50
C ILE A 60 -21.12 -5.10 1.34
N THR A 61 -20.13 -5.82 1.83
CA THR A 61 -18.73 -5.42 1.70
C THR A 61 -17.99 -6.55 1.00
N VAL A 62 -17.39 -6.23 -0.14
CA VAL A 62 -16.75 -7.20 -1.01
C VAL A 62 -15.24 -7.09 -0.89
N ALA A 63 -14.55 -8.24 -0.77
CA ALA A 63 -13.08 -8.28 -0.68
C ALA A 63 -12.47 -8.56 -2.06
N ILE A 64 -11.50 -7.74 -2.45
CA ILE A 64 -10.81 -7.88 -3.73
C ILE A 64 -9.33 -8.15 -3.49
N ASP A 65 -8.77 -9.13 -4.20
CA ASP A 65 -7.34 -9.45 -4.21
C ASP A 65 -6.65 -8.40 -5.09
N VAL A 66 -5.72 -7.65 -4.49
CA VAL A 66 -5.11 -6.53 -5.19
C VAL A 66 -4.15 -6.97 -6.29
N THR A 67 -3.73 -8.22 -6.28
CA THR A 67 -2.76 -8.68 -7.27
C THR A 67 -3.39 -8.94 -8.64
N ASN A 68 -4.71 -9.14 -8.67
CA ASN A 68 -5.35 -9.48 -9.93
C ASN A 68 -6.75 -8.90 -10.09
N VAL A 69 -7.18 -8.11 -9.11
CA VAL A 69 -8.54 -7.55 -9.05
C VAL A 69 -9.64 -8.63 -9.04
N TYR A 70 -9.32 -9.85 -8.58
CA TYR A 70 -10.34 -10.90 -8.42
C TYR A 70 -11.11 -10.67 -7.13
N ILE A 71 -12.42 -10.84 -7.18
CA ILE A 71 -13.25 -10.81 -6.00
C ILE A 71 -13.06 -12.12 -5.26
N MET A 72 -12.84 -12.03 -3.96
CA MET A 72 -12.63 -13.21 -3.10
C MET A 72 -13.90 -13.67 -2.42
N GLY A 73 -14.76 -12.73 -2.06
CA GLY A 73 -15.96 -13.04 -1.31
C GLY A 73 -16.54 -11.77 -0.74
N TYR A 74 -17.51 -11.90 0.15
CA TYR A 74 -18.19 -10.73 0.71
C TYR A 74 -18.74 -10.99 2.10
N LEU A 75 -19.04 -9.90 2.80
CA LEU A 75 -19.62 -9.91 4.13
C LEU A 75 -20.99 -9.25 4.10
N VAL A 76 -21.96 -9.91 4.71
CA VAL A 76 -23.26 -9.32 5.01
C VAL A 76 -23.63 -9.71 6.43
N ASN A 77 -24.11 -8.73 7.20
CA ASN A 77 -24.45 -8.97 8.60
C ASN A 77 -23.22 -9.52 9.31
N SER A 78 -23.33 -10.74 9.85
CA SER A 78 -22.20 -11.39 10.52
C SER A 78 -21.73 -12.66 9.79
N THR A 79 -22.04 -12.75 8.50
CA THR A 79 -21.70 -13.93 7.70
C THR A 79 -20.88 -13.51 6.49
N SER A 80 -19.78 -14.22 6.27
CA SER A 80 -18.99 -14.02 5.06
C SER A 80 -19.11 -15.21 4.13
N TYR A 81 -18.99 -14.92 2.84
CA TYR A 81 -19.12 -15.93 1.80
C TYR A 81 -17.91 -15.82 0.91
N PHE A 82 -17.16 -16.92 0.74
CA PHE A 82 -15.95 -16.93 -0.07
C PHE A 82 -16.02 -17.95 -1.19
N PHE A 83 -15.47 -17.59 -2.34
CA PHE A 83 -15.39 -18.51 -3.47
C PHE A 83 -14.62 -19.76 -3.09
N ASN A 84 -14.97 -20.87 -3.73
CA ASN A 84 -14.32 -22.15 -3.51
C ASN A 84 -13.05 -22.25 -4.35
N GLU A 85 -12.00 -21.56 -3.88
CA GLU A 85 -10.70 -21.53 -4.56
C GLU A 85 -9.66 -21.14 -3.52
N SER A 86 -8.42 -21.59 -3.72
CA SER A 86 -7.41 -21.46 -2.67
C SER A 86 -7.10 -20.01 -2.29
N ASP A 87 -7.12 -19.11 -3.26
CA ASP A 87 -6.81 -17.70 -2.97
C ASP A 87 -7.91 -17.04 -2.13
N ALA A 88 -9.15 -17.49 -2.30
CA ALA A 88 -10.28 -16.98 -1.51
C ALA A 88 -10.28 -17.58 -0.10
N LYS A 89 -9.91 -18.85 0.03
CA LYS A 89 -9.76 -19.47 1.34
C LYS A 89 -8.69 -18.72 2.15
N LEU A 90 -7.60 -18.37 1.47
CA LEU A 90 -6.55 -17.53 2.06
C LEU A 90 -7.12 -16.21 2.52
N ALA A 91 -7.87 -15.53 1.65
CA ALA A 91 -8.48 -14.25 2.03
C ALA A 91 -9.31 -14.36 3.30
N SER A 92 -10.03 -15.46 3.47
CA SER A 92 -10.88 -15.68 4.65
C SER A 92 -10.11 -15.72 5.98
N GLN A 93 -8.79 -15.90 5.90
CA GLN A 93 -7.93 -15.90 7.08
C GLN A 93 -7.57 -14.49 7.54
N TYR A 94 -7.81 -13.50 6.68
CA TYR A 94 -7.30 -12.15 6.91
C TYR A 94 -8.33 -11.03 6.91
N VAL A 95 -9.47 -11.25 6.28
CA VAL A 95 -10.52 -10.24 6.23
C VAL A 95 -11.81 -10.74 6.86
N PHE A 96 -12.67 -9.81 7.24
CA PHE A 96 -13.95 -10.13 7.88
C PHE A 96 -13.73 -11.00 9.12
N ALA A 97 -12.72 -10.65 9.89
CA ALA A 97 -12.40 -11.36 11.14
C ALA A 97 -13.61 -11.37 12.05
N GLY A 98 -13.92 -12.55 12.61
CA GLY A 98 -15.04 -12.67 13.54
C GLY A 98 -16.34 -13.12 12.91
N SER A 99 -16.44 -13.00 11.58
CA SER A 99 -17.62 -13.45 10.86
C SER A 99 -17.68 -14.98 10.82
N THR A 100 -18.89 -15.50 10.59
CA THR A 100 -19.09 -16.92 10.31
C THR A 100 -18.86 -17.13 8.81
N ILE A 101 -17.91 -17.99 8.46
CA ILE A 101 -17.54 -18.22 7.07
C ILE A 101 -18.37 -19.30 6.40
N VAL A 102 -18.89 -19.00 5.23
CA VAL A 102 -19.54 -19.97 4.34
C VAL A 102 -18.70 -20.09 3.07
N THR A 103 -18.39 -21.32 2.68
CA THR A 103 -17.71 -21.57 1.42
C THR A 103 -18.77 -21.76 0.36
N LEU A 104 -18.71 -20.93 -0.69
CA LEU A 104 -19.65 -21.02 -1.81
C LEU A 104 -19.40 -22.29 -2.63
N PRO A 105 -20.44 -22.79 -3.32
CA PRO A 105 -20.31 -24.02 -4.11
C PRO A 105 -19.66 -23.88 -5.49
N TYR A 106 -18.94 -22.77 -5.72
CA TYR A 106 -18.26 -22.52 -6.99
C TYR A 106 -17.07 -21.59 -6.76
N SER A 107 -16.09 -21.64 -7.67
CA SER A 107 -15.00 -20.67 -7.69
C SER A 107 -15.50 -19.37 -8.34
N GLY A 108 -14.63 -18.36 -8.36
CA GLY A 108 -14.94 -17.08 -9.00
C GLY A 108 -14.64 -17.01 -10.49
N ASN A 109 -14.28 -18.14 -11.07
CA ASN A 109 -13.98 -18.25 -12.50
C ASN A 109 -15.26 -18.05 -13.32
N TYR A 110 -15.18 -17.30 -14.43
CA TYR A 110 -16.36 -17.04 -15.26
C TYR A 110 -17.07 -18.32 -15.70
N GLU A 111 -16.32 -19.31 -16.16
CA GLU A 111 -16.92 -20.56 -16.65
C GLU A 111 -17.70 -21.27 -15.56
N LYS A 112 -17.11 -21.34 -14.36
CA LYS A 112 -17.76 -21.99 -13.22
C LYS A 112 -18.98 -21.20 -12.73
N LEU A 113 -18.87 -19.88 -12.68
CA LEU A 113 -20.01 -19.04 -12.30
C LEU A 113 -21.16 -19.17 -13.30
N GLN A 114 -20.83 -19.27 -14.58
CA GLN A 114 -21.84 -19.38 -15.63
C GLN A 114 -22.57 -20.71 -15.57
N THR A 115 -21.82 -21.78 -15.32
CA THR A 115 -22.41 -23.10 -15.10
C THR A 115 -23.35 -23.08 -13.89
N ALA A 116 -22.91 -22.43 -12.81
CA ALA A 116 -23.70 -22.32 -11.58
C ALA A 116 -24.96 -21.49 -11.79
N ALA A 117 -24.85 -20.42 -12.56
CA ALA A 117 -25.99 -19.54 -12.84
C ALA A 117 -26.93 -20.10 -13.90
N GLY A 118 -26.45 -21.05 -14.68
CA GLY A 118 -27.21 -21.65 -15.79
C GLY A 118 -27.35 -20.72 -16.98
N LYS A 119 -26.47 -19.72 -17.05
CA LYS A 119 -26.48 -18.72 -18.12
C LYS A 119 -25.11 -18.07 -18.29
N ILE A 120 -24.77 -17.74 -19.53
CA ILE A 120 -23.50 -17.11 -19.87
C ILE A 120 -23.56 -15.58 -19.73
N ARG A 121 -22.41 -14.96 -19.38
CA ARG A 121 -22.27 -13.49 -19.26
C ARG A 121 -22.98 -12.76 -20.39
N GLU A 122 -22.77 -13.27 -21.60
CA GLU A 122 -23.30 -12.69 -22.82
C GLU A 122 -24.81 -12.44 -22.77
N LYS A 123 -25.52 -13.22 -21.96
CA LYS A 123 -26.98 -13.13 -21.88
C LYS A 123 -27.52 -12.48 -20.59
N ILE A 124 -26.61 -12.03 -19.71
CA ILE A 124 -27.00 -11.41 -18.45
C ILE A 124 -26.93 -9.88 -18.55
N PRO A 125 -28.09 -9.20 -18.43
CA PRO A 125 -28.10 -7.74 -18.48
C PRO A 125 -27.26 -7.08 -17.39
N LEU A 126 -26.58 -6.01 -17.77
CA LEU A 126 -25.80 -5.20 -16.85
C LEU A 126 -26.36 -3.79 -16.79
N GLY A 127 -25.98 -3.06 -15.76
CA GLY A 127 -26.43 -1.68 -15.58
C GLY A 127 -26.63 -1.35 -14.12
N PHE A 128 -27.05 -0.12 -13.81
CA PHE A 128 -27.29 0.26 -12.42
C PHE A 128 -28.43 -0.56 -11.80
N PRO A 129 -29.56 -0.70 -12.52
CA PRO A 129 -30.61 -1.58 -11.97
C PRO A 129 -30.16 -3.03 -11.76
N ALA A 130 -29.40 -3.59 -12.68
CA ALA A 130 -28.85 -4.94 -12.52
C ALA A 130 -27.94 -5.04 -11.28
N LEU A 131 -27.14 -4.00 -11.06
CA LEU A 131 -26.28 -3.94 -9.87
C LEU A 131 -27.13 -3.93 -8.60
N ASP A 132 -28.17 -3.10 -8.56
CA ASP A 132 -29.12 -3.09 -7.45
C ASP A 132 -29.66 -4.49 -7.14
N SER A 133 -30.15 -5.19 -8.17
CA SER A 133 -30.70 -6.53 -7.99
C SER A 133 -29.65 -7.52 -7.49
N ALA A 134 -28.44 -7.42 -8.04
CA ALA A 134 -27.33 -8.28 -7.65
C ALA A 134 -26.98 -8.08 -6.18
N ILE A 135 -26.91 -6.83 -5.73
CA ILE A 135 -26.61 -6.54 -4.33
C ILE A 135 -27.72 -7.12 -3.45
N THR A 136 -28.98 -6.96 -3.87
CA THR A 136 -30.11 -7.49 -3.10
C THR A 136 -30.02 -9.01 -2.95
N THR A 137 -29.68 -9.70 -4.04
CA THR A 137 -29.51 -11.14 -4.02
C THR A 137 -28.45 -11.57 -3.00
N LEU A 138 -27.30 -10.91 -3.01
CA LEU A 138 -26.23 -11.23 -2.08
C LEU A 138 -26.56 -10.82 -0.65
N PHE A 139 -27.29 -9.70 -0.51
CA PHE A 139 -27.70 -9.22 0.81
C PHE A 139 -28.56 -10.24 1.55
N HIS A 140 -29.48 -10.88 0.82
CA HIS A 140 -30.35 -11.89 1.41
C HIS A 140 -29.77 -13.31 1.29
N TYR A 141 -28.62 -13.40 0.64
CA TYR A 141 -28.03 -14.66 0.15
C TYR A 141 -29.08 -15.64 -0.35
N ASP A 142 -29.64 -15.37 -1.54
CA ASP A 142 -30.43 -16.38 -2.23
C ASP A 142 -29.44 -17.22 -3.02
N SER A 143 -29.20 -18.44 -2.52
CA SER A 143 -28.17 -19.30 -3.08
C SER A 143 -28.40 -19.65 -4.55
N THR A 144 -29.67 -19.64 -4.97
CA THR A 144 -30.07 -20.00 -6.34
C THR A 144 -29.81 -18.89 -7.37
N ALA A 145 -29.58 -17.67 -6.89
CA ALA A 145 -29.35 -16.52 -7.76
C ALA A 145 -27.99 -15.83 -7.54
N ALA A 146 -27.23 -16.32 -6.57
CA ALA A 146 -25.96 -15.68 -6.20
C ALA A 146 -24.89 -15.70 -7.30
N ALA A 147 -24.75 -16.82 -8.01
CA ALA A 147 -23.74 -16.93 -9.06
C ALA A 147 -23.95 -15.84 -10.09
N ALA A 148 -25.21 -15.65 -10.51
CA ALA A 148 -25.57 -14.61 -11.47
C ALA A 148 -25.27 -13.23 -10.89
N ALA A 149 -25.54 -13.07 -9.59
CA ALA A 149 -25.26 -11.79 -8.92
C ALA A 149 -23.77 -11.47 -8.94
N PHE A 150 -22.92 -12.46 -8.70
CA PHE A 150 -21.47 -12.28 -8.79
C PHE A 150 -21.05 -11.88 -10.20
N LEU A 151 -21.63 -12.53 -11.20
CA LEU A 151 -21.31 -12.18 -12.59
C LEU A 151 -21.59 -10.71 -12.89
N VAL A 152 -22.70 -10.20 -12.39
CA VAL A 152 -23.01 -8.76 -12.54
C VAL A 152 -22.01 -7.89 -11.78
N ILE A 153 -21.77 -8.22 -10.51
CA ILE A 153 -20.90 -7.39 -9.67
C ILE A 153 -19.45 -7.37 -10.18
N ILE A 154 -18.94 -8.52 -10.59
CA ILE A 154 -17.55 -8.61 -11.07
C ILE A 154 -17.34 -7.68 -12.25
N GLN A 155 -18.29 -7.69 -13.18
CA GLN A 155 -18.15 -6.93 -14.41
C GLN A 155 -18.31 -5.44 -14.17
N THR A 156 -19.20 -5.11 -13.23
CA THR A 156 -19.54 -3.72 -12.93
C THR A 156 -18.51 -3.04 -12.03
N THR A 157 -17.62 -3.81 -11.41
CA THR A 157 -16.63 -3.25 -10.49
C THR A 157 -15.23 -3.56 -11.02
N ALA A 158 -14.81 -4.81 -10.93
CA ALA A 158 -13.47 -5.19 -11.36
C ALA A 158 -13.20 -4.95 -12.85
N GLU A 159 -14.11 -5.39 -13.71
CA GLU A 159 -13.87 -5.24 -15.16
C GLU A 159 -13.91 -3.77 -15.56
N SER A 160 -14.81 -3.02 -14.94
CA SER A 160 -14.90 -1.59 -15.16
C SER A 160 -13.62 -0.87 -14.73
N SER A 161 -13.02 -1.29 -13.61
CA SER A 161 -11.74 -0.72 -13.17
C SER A 161 -10.60 -1.02 -14.15
N ARG A 162 -10.67 -2.18 -14.81
CA ARG A 162 -9.61 -2.60 -15.73
C ARG A 162 -9.68 -1.89 -17.09
N PHE A 163 -10.89 -1.52 -17.50
CA PHE A 163 -11.13 -0.99 -18.84
C PHE A 163 -12.06 0.22 -18.83
N LYS A 164 -11.55 1.36 -19.27
CA LYS A 164 -12.38 2.55 -19.39
C LYS A 164 -13.59 2.32 -20.29
N TYR A 165 -13.43 1.50 -21.32
CA TYR A 165 -14.55 1.16 -22.20
C TYR A 165 -15.70 0.51 -21.42
N ILE A 166 -15.36 -0.43 -20.53
CA ILE A 166 -16.40 -1.13 -19.76
C ILE A 166 -17.08 -0.20 -18.74
N GLU A 167 -16.31 0.68 -18.12
CA GLU A 167 -16.85 1.76 -17.29
C GLU A 167 -17.91 2.55 -18.06
N GLY A 168 -17.61 2.89 -19.31
CA GLY A 168 -18.55 3.62 -20.18
C GLY A 168 -19.80 2.82 -20.49
N GLN A 169 -19.64 1.51 -20.70
CA GLN A 169 -20.79 0.64 -20.97
C GLN A 169 -21.77 0.58 -19.80
N ILE A 170 -21.23 0.53 -18.59
CA ILE A 170 -22.07 0.55 -17.39
C ILE A 170 -22.83 1.88 -17.30
N ILE A 171 -22.12 2.99 -17.53
CA ILE A 171 -22.72 4.33 -17.55
C ILE A 171 -23.87 4.43 -18.57
N MET A 172 -23.70 3.83 -19.75
CA MET A 172 -24.76 3.80 -20.76
C MET A 172 -26.03 3.11 -20.23
N ARG A 173 -25.83 2.20 -19.28
CA ARG A 173 -26.90 1.38 -18.73
C ARG A 173 -27.35 1.83 -17.33
N ILE A 174 -27.23 3.13 -17.05
CA ILE A 174 -27.63 3.68 -15.75
C ILE A 174 -29.14 3.56 -15.50
N SER A 175 -29.94 3.77 -16.55
CA SER A 175 -31.40 3.74 -16.43
C SER A 175 -32.04 2.45 -16.94
N LYS A 176 -31.44 1.85 -17.95
CA LYS A 176 -31.98 0.63 -18.58
C LYS A 176 -30.87 -0.40 -18.73
N ASN A 177 -31.07 -1.59 -18.17
CA ASN A 177 -30.10 -2.68 -18.30
C ASN A 177 -29.96 -3.11 -19.75
N GLY A 178 -28.79 -3.63 -20.09
CA GLY A 178 -28.56 -4.23 -21.39
C GLY A 178 -27.46 -5.26 -21.28
N VAL A 179 -27.58 -6.33 -22.05
CA VAL A 179 -26.52 -7.34 -22.12
C VAL A 179 -25.20 -6.69 -22.59
N PRO A 180 -24.06 -7.25 -22.15
CA PRO A 180 -22.79 -6.65 -22.56
C PRO A 180 -22.57 -6.69 -24.06
N SER A 181 -21.87 -5.67 -24.56
CA SER A 181 -21.45 -5.64 -25.97
C SER A 181 -20.44 -6.75 -26.19
N LEU A 182 -20.28 -7.17 -27.45
CA LEU A 182 -19.26 -8.16 -27.79
C LEU A 182 -17.86 -7.66 -27.45
N ALA A 183 -17.65 -6.36 -27.57
CA ALA A 183 -16.37 -5.75 -27.20
C ALA A 183 -16.06 -5.96 -25.71
N THR A 184 -17.07 -5.75 -24.86
CA THR A 184 -16.94 -5.95 -23.41
C THR A 184 -16.48 -7.36 -23.10
N ILE A 185 -17.15 -8.35 -23.68
CA ILE A 185 -16.80 -9.76 -23.50
C ILE A 185 -15.35 -10.02 -23.92
N SER A 186 -14.96 -9.53 -25.10
CA SER A 186 -13.61 -9.78 -25.59
C SER A 186 -12.53 -9.17 -24.67
N LEU A 187 -12.76 -7.95 -24.19
CA LEU A 187 -11.81 -7.29 -23.30
C LEU A 187 -11.63 -8.07 -22.00
N GLU A 188 -12.75 -8.49 -21.40
CA GLU A 188 -12.70 -9.34 -20.21
C GLU A 188 -11.85 -10.59 -20.49
N ASN A 189 -12.15 -11.26 -21.60
CA ASN A 189 -11.47 -12.49 -21.98
C ASN A 189 -9.97 -12.32 -22.25
N GLU A 190 -9.59 -11.14 -22.73
CA GLU A 190 -8.22 -10.90 -23.17
C GLU A 190 -7.38 -10.03 -22.23
N TRP A 191 -7.92 -9.68 -21.07
CA TRP A 191 -7.19 -8.83 -20.11
C TRP A 191 -5.81 -9.39 -19.78
N SER A 192 -5.73 -10.67 -19.45
CA SER A 192 -4.44 -11.25 -19.08
C SER A 192 -3.46 -11.28 -20.25
N ALA A 193 -3.97 -11.55 -21.46
CA ALA A 193 -3.14 -11.59 -22.67
C ALA A 193 -2.65 -10.20 -23.05
N LEU A 194 -3.54 -9.22 -22.99
CA LEU A 194 -3.14 -7.83 -23.17
C LEU A 194 -2.06 -7.40 -22.18
N SER A 195 -2.26 -7.74 -20.91
CA SER A 195 -1.32 -7.40 -19.83
C SER A 195 0.08 -7.96 -20.15
N LYS A 196 0.12 -9.21 -20.58
CA LYS A 196 1.36 -9.90 -20.91
C LYS A 196 2.05 -9.24 -22.10
N GLN A 197 1.29 -9.02 -23.16
CA GLN A 197 1.84 -8.48 -24.42
C GLN A 197 2.34 -7.04 -24.33
N ILE A 198 1.61 -6.21 -23.59
CA ILE A 198 2.02 -4.82 -23.40
C ILE A 198 3.38 -4.76 -22.70
N GLN A 199 3.60 -5.65 -21.72
CA GLN A 199 4.89 -5.70 -21.02
C GLN A 199 6.03 -6.22 -21.89
N LEU A 200 5.73 -7.19 -22.75
CA LEU A 200 6.73 -7.70 -23.69
C LEU A 200 7.11 -6.64 -24.72
N ALA A 201 6.15 -5.79 -25.10
CA ALA A 201 6.34 -4.76 -26.12
C ALA A 201 7.38 -3.69 -25.74
N GLN A 202 7.57 -3.47 -24.45
CA GLN A 202 8.52 -2.47 -23.93
C GLN A 202 9.89 -2.57 -24.57
N THR A 203 10.34 -3.80 -24.75
CA THR A 203 11.67 -4.09 -25.28
C THR A 203 11.58 -4.66 -26.71
N ASN A 204 10.45 -4.40 -27.36
CA ASN A 204 10.23 -4.85 -28.73
C ASN A 204 9.73 -3.72 -29.62
N ASN A 205 10.22 -2.50 -29.36
CA ASN A 205 9.82 -1.29 -30.09
C ASN A 205 8.30 -1.08 -30.10
N GLY A 206 7.64 -1.60 -29.06
CA GLY A 206 6.20 -1.43 -28.89
C GLY A 206 5.33 -2.47 -29.59
N THR A 207 5.96 -3.52 -30.12
CA THR A 207 5.23 -4.56 -30.84
C THR A 207 5.00 -5.81 -29.98
N PHE A 208 3.77 -6.32 -29.98
CA PHE A 208 3.42 -7.55 -29.27
C PHE A 208 4.19 -8.72 -29.86
N LYS A 209 4.59 -9.65 -29.00
CA LYS A 209 5.22 -10.91 -29.47
C LYS A 209 4.18 -11.85 -30.08
N THR A 210 2.96 -11.74 -29.60
CA THR A 210 1.83 -12.52 -30.09
C THR A 210 0.62 -11.59 -30.16
N PRO A 211 -0.04 -11.50 -31.34
CA PRO A 211 -1.20 -10.60 -31.46
C PRO A 211 -2.33 -10.98 -30.51
N VAL A 212 -3.14 -9.99 -30.15
CA VAL A 212 -4.34 -10.24 -29.34
C VAL A 212 -5.56 -9.81 -30.14
N VAL A 213 -6.52 -10.71 -30.28
CA VAL A 213 -7.75 -10.39 -31.02
C VAL A 213 -8.84 -9.92 -30.06
N ILE A 214 -9.30 -8.70 -30.29
CA ILE A 214 -10.42 -8.12 -29.56
C ILE A 214 -11.59 -8.04 -30.53
N MET A 215 -12.76 -7.62 -30.05
CA MET A 215 -13.89 -7.32 -30.90
C MET A 215 -14.24 -5.84 -30.80
N ASP A 216 -14.66 -5.25 -31.91
CA ASP A 216 -15.04 -3.84 -31.94
C ASP A 216 -16.50 -3.63 -31.57
N ALA A 217 -16.98 -2.40 -31.76
CA ALA A 217 -18.35 -2.00 -31.42
C ALA A 217 -19.44 -2.70 -32.25
N GLY A 218 -19.02 -3.37 -33.32
CA GLY A 218 -19.94 -4.16 -34.16
C GLY A 218 -19.67 -5.66 -34.10
N GLY A 219 -18.78 -6.08 -33.21
CA GLY A 219 -18.47 -7.49 -33.02
C GLY A 219 -17.41 -8.04 -33.97
N GLN A 220 -16.86 -7.17 -34.80
CA GLN A 220 -15.82 -7.57 -35.74
C GLN A 220 -14.48 -7.80 -35.04
N ARG A 221 -13.83 -8.90 -35.39
CA ARG A 221 -12.50 -9.22 -34.90
C ARG A 221 -11.50 -8.14 -35.31
N VAL A 222 -10.77 -7.64 -34.33
CA VAL A 222 -9.71 -6.66 -34.57
C VAL A 222 -8.42 -7.20 -33.94
N GLU A 223 -7.39 -7.39 -34.75
CA GLU A 223 -6.12 -7.89 -34.23
C GLU A 223 -5.26 -6.75 -33.71
N ILE A 224 -4.92 -6.83 -32.43
CA ILE A 224 -4.09 -5.83 -31.76
C ILE A 224 -2.65 -6.37 -31.77
N GLY A 225 -1.74 -5.61 -32.37
CA GLY A 225 -0.38 -6.08 -32.57
C GLY A 225 0.70 -5.21 -31.95
N ASN A 226 0.33 -4.01 -31.52
CA ASN A 226 1.28 -3.05 -30.94
C ASN A 226 0.62 -2.07 -29.97
N VAL A 227 1.45 -1.27 -29.30
CA VAL A 227 0.98 -0.38 -28.23
C VAL A 227 0.36 0.93 -28.71
N GLY A 228 0.35 1.13 -30.03
CA GLY A 228 -0.30 2.30 -30.62
C GLY A 228 -1.82 2.19 -30.63
N SER A 229 -2.31 0.96 -30.48
CA SER A 229 -3.76 0.68 -30.47
C SER A 229 -4.49 1.43 -29.36
N LYS A 230 -5.72 1.87 -29.66
CA LYS A 230 -6.56 2.56 -28.68
C LYS A 230 -6.83 1.72 -27.42
N VAL A 231 -6.82 0.39 -27.56
CA VAL A 231 -7.02 -0.49 -26.41
C VAL A 231 -5.91 -0.27 -25.38
N VAL A 232 -4.70 0.02 -25.87
CA VAL A 232 -3.53 0.25 -25.01
C VAL A 232 -3.44 1.70 -24.53
N THR A 233 -3.69 2.65 -25.42
CA THR A 233 -3.52 4.08 -25.12
C THR A 233 -4.69 4.74 -24.38
N LYS A 234 -5.91 4.25 -24.59
CA LYS A 234 -7.09 4.92 -24.04
C LYS A 234 -8.22 3.96 -23.66
N ASN A 235 -7.85 2.86 -23.01
CA ASN A 235 -8.83 1.87 -22.56
C ASN A 235 -8.35 1.12 -21.32
N ILE A 236 -7.37 0.25 -21.49
CA ILE A 236 -6.85 -0.54 -20.36
C ILE A 236 -6.24 0.35 -19.27
N GLN A 237 -6.59 0.06 -18.01
CA GLN A 237 -6.17 0.89 -16.88
C GLN A 237 -5.31 0.17 -15.84
N LEU A 238 -5.26 -1.15 -15.93
CA LEU A 238 -4.55 -1.98 -14.95
C LEU A 238 -3.94 -3.16 -15.68
N LEU A 239 -2.70 -3.50 -15.35
CA LEU A 239 -2.03 -4.64 -15.96
C LEU A 239 -1.75 -5.73 -14.95
N LEU A 240 -2.15 -6.95 -15.29
CA LEU A 240 -1.78 -8.12 -14.49
C LEU A 240 -0.27 -8.32 -14.55
N ASN A 241 0.34 -8.64 -13.41
CA ASN A 241 1.79 -8.77 -13.26
C ASN A 241 2.10 -10.23 -12.90
N ASP B 1 25.16 14.09 2.19
CA ASP B 1 24.53 12.76 2.47
C ASP B 1 25.33 12.07 3.57
N VAL B 2 24.70 11.11 4.24
CA VAL B 2 25.40 10.21 5.15
C VAL B 2 25.28 8.80 4.60
N SER B 3 26.09 7.89 5.13
CA SER B 3 26.08 6.51 4.64
C SER B 3 26.43 5.51 5.72
N PHE B 4 25.84 4.32 5.62
CA PHE B 4 26.21 3.19 6.46
C PHE B 4 26.34 1.95 5.61
N SER B 5 27.48 1.28 5.74
CA SER B 5 27.74 0.06 5.01
C SER B 5 27.78 -1.10 5.98
N LEU B 6 26.93 -2.09 5.78
CA LEU B 6 26.98 -3.28 6.61
C LEU B 6 28.25 -4.09 6.41
N SER B 7 28.75 -4.15 5.18
CA SER B 7 29.98 -4.89 4.93
C SER B 7 31.14 -4.21 5.64
N GLY B 8 31.82 -4.96 6.51
CA GLY B 8 32.91 -4.41 7.28
C GLY B 8 32.52 -3.60 8.51
N SER B 9 31.22 -3.61 8.82
CA SER B 9 30.68 -2.82 9.91
C SER B 9 31.11 -3.30 11.29
N SER B 10 31.07 -2.38 12.24
CA SER B 10 31.40 -2.62 13.63
C SER B 10 30.56 -1.70 14.49
N SER B 11 30.66 -1.87 15.81
CA SER B 11 30.04 -0.91 16.72
C SER B 11 30.58 0.50 16.45
N THR B 12 31.89 0.59 16.19
CA THR B 12 32.53 1.86 15.88
C THR B 12 31.94 2.53 14.64
N SER B 13 31.81 1.76 13.55
CA SER B 13 31.31 2.34 12.30
C SER B 13 29.82 2.68 12.39
N TYR B 14 29.08 1.88 13.13
CA TYR B 14 27.67 2.19 13.37
C TYR B 14 27.49 3.47 14.18
N SER B 15 28.20 3.60 15.28
CA SER B 15 28.12 4.82 16.09
C SER B 15 28.58 6.05 15.30
N LYS B 16 29.61 5.91 14.48
CA LYS B 16 30.07 7.00 13.63
C LYS B 16 28.96 7.44 12.66
N PHE B 17 28.28 6.47 12.06
CA PHE B 17 27.15 6.73 11.18
C PHE B 17 26.03 7.47 11.89
N ILE B 18 25.64 6.98 13.06
CA ILE B 18 24.56 7.62 13.81
C ILE B 18 24.94 9.06 14.19
N GLY B 19 26.21 9.25 14.58
CA GLY B 19 26.71 10.58 14.85
C GLY B 19 26.65 11.48 13.62
N ALA B 20 26.99 10.93 12.46
CA ALA B 20 26.94 11.67 11.20
C ALA B 20 25.52 12.08 10.85
N LEU B 21 24.58 11.17 11.08
CA LEU B 21 23.17 11.45 10.83
C LEU B 21 22.68 12.59 11.72
N ARG B 22 22.97 12.50 13.02
CA ARG B 22 22.64 13.58 13.96
C ARG B 22 23.21 14.91 13.48
N LYS B 23 24.48 14.92 13.08
CA LYS B 23 25.17 16.14 12.64
C LYS B 23 24.67 16.71 11.32
N ALA B 24 24.14 15.84 10.46
CA ALA B 24 23.69 16.23 9.14
C ALA B 24 22.38 17.01 9.18
N LEU B 25 21.60 16.80 10.24
CA LEU B 25 20.32 17.48 10.38
C LEU B 25 20.52 18.96 10.72
N PRO B 26 19.93 19.86 9.93
CA PRO B 26 20.01 21.28 10.29
C PRO B 26 19.29 21.51 11.60
N SER B 27 19.69 22.56 12.31
CA SER B 27 19.13 22.80 13.63
C SER B 27 19.01 24.29 13.91
N GLY B 29 19.77 25.75 17.01
CA GLY B 29 20.41 25.72 18.31
C GLY B 29 20.03 24.53 19.16
N THR B 30 20.13 24.70 20.47
CA THR B 30 19.87 23.62 21.42
C THR B 30 18.94 24.04 22.55
N VAL B 31 18.38 23.06 23.24
CA VAL B 31 17.55 23.26 24.42
C VAL B 31 17.99 22.24 25.45
N TYR B 32 18.40 22.73 26.63
CA TYR B 32 19.06 21.90 27.64
C TYR B 32 20.18 21.04 27.03
N ASN B 33 20.91 21.65 26.10
CA ASN B 33 22.06 21.02 25.45
C ASN B 33 21.70 19.93 24.42
N ILE B 34 20.42 19.85 24.08
CA ILE B 34 19.93 18.88 23.09
C ILE B 34 19.60 19.63 21.80
N THR B 35 20.06 19.10 20.68
CA THR B 35 19.76 19.63 19.35
C THR B 35 18.25 19.84 19.14
N LEU B 36 17.86 21.05 18.78
CA LEU B 36 16.48 21.36 18.44
C LEU B 36 16.35 21.38 16.93
N LEU B 37 15.44 20.56 16.41
CA LEU B 37 15.22 20.51 14.97
C LEU B 37 14.50 21.76 14.48
N LEU B 38 14.56 22.02 13.18
CA LEU B 38 13.82 23.13 12.59
C LEU B 38 12.32 22.90 12.65
N SER B 39 11.57 23.98 12.87
CA SER B 39 10.12 23.90 12.93
C SER B 39 9.52 23.91 11.52
N SER B 40 10.28 24.43 10.56
CA SER B 40 9.87 24.42 9.16
C SER B 40 11.10 24.46 8.26
N ALA B 41 10.93 24.02 7.02
CA ALA B 41 12.00 24.04 6.01
C ALA B 41 11.34 23.97 4.65
N SER B 42 12.08 24.38 3.61
CA SER B 42 11.51 24.42 2.26
C SER B 42 12.39 23.77 1.21
N GLY B 43 11.75 23.21 0.19
CA GLY B 43 12.46 22.64 -0.94
C GLY B 43 13.39 21.51 -0.58
N ALA B 44 14.48 21.38 -1.34
CA ALA B 44 15.45 20.31 -1.17
C ALA B 44 16.14 20.35 0.19
N SER B 45 16.25 21.54 0.77
CA SER B 45 16.93 21.67 2.06
C SER B 45 16.13 21.08 3.22
N ARG B 46 14.89 20.66 2.94
CA ARG B 46 14.09 19.96 3.94
C ARG B 46 14.52 18.47 4.10
N TYR B 47 15.42 17.97 3.26
CA TYR B 47 15.78 16.53 3.30
C TYR B 47 17.27 16.28 3.47
N THR B 48 17.56 15.17 4.15
CA THR B 48 18.89 14.59 4.31
C THR B 48 18.80 13.22 3.66
N LEU B 49 19.84 12.80 2.95
CA LEU B 49 19.84 11.49 2.29
C LEU B 49 20.78 10.56 3.02
N MET B 50 20.36 9.30 3.11
CA MET B 50 21.07 8.30 3.87
C MET B 50 21.24 7.06 3.00
N LYS B 51 22.48 6.78 2.59
CA LYS B 51 22.77 5.60 1.77
C LYS B 51 23.00 4.41 2.70
N LEU B 52 22.28 3.32 2.44
CA LEU B 52 22.42 2.08 3.23
C LEU B 52 22.77 0.92 2.31
N SER B 53 23.84 0.20 2.65
CA SER B 53 24.28 -0.95 1.86
C SER B 53 24.27 -2.23 2.69
N ASN B 54 23.79 -3.32 2.09
CA ASN B 54 23.76 -4.61 2.78
C ASN B 54 25.13 -5.28 2.78
N TYR B 55 25.25 -6.46 3.39
CA TYR B 55 26.56 -7.11 3.43
C TYR B 55 27.13 -7.34 2.03
N ASP B 56 26.25 -7.60 1.07
CA ASP B 56 26.68 -7.86 -0.32
C ASP B 56 26.95 -6.59 -1.12
N GLY B 57 26.81 -5.44 -0.46
CA GLY B 57 27.07 -4.16 -1.11
C GLY B 57 25.93 -3.60 -1.94
N LYS B 58 24.77 -4.24 -1.88
CA LYS B 58 23.58 -3.73 -2.57
C LYS B 58 23.01 -2.55 -1.76
N ALA B 59 22.79 -1.43 -2.45
CA ALA B 59 22.47 -0.17 -1.79
C ALA B 59 21.12 0.42 -2.15
N ILE B 60 20.54 1.10 -1.16
CA ILE B 60 19.40 1.99 -1.37
C ILE B 60 19.76 3.34 -0.78
N THR B 61 19.08 4.40 -1.23
CA THR B 61 19.24 5.71 -0.62
C THR B 61 17.90 6.16 -0.05
N VAL B 62 17.91 6.51 1.24
CA VAL B 62 16.69 6.86 1.96
C VAL B 62 16.62 8.36 2.19
N ALA B 63 15.45 8.95 1.92
CA ALA B 63 15.23 10.38 2.15
C ALA B 63 14.56 10.60 3.48
N ILE B 64 15.11 11.54 4.26
CA ILE B 64 14.61 11.85 5.60
C ILE B 64 14.18 13.32 5.66
N ASP B 65 12.98 13.56 6.20
CA ASP B 65 12.50 14.91 6.49
C ASP B 65 13.23 15.44 7.71
N VAL B 66 14.02 16.50 7.53
CA VAL B 66 14.85 17.05 8.61
C VAL B 66 14.07 17.66 9.76
N THR B 67 12.80 18.00 9.52
CA THR B 67 12.01 18.65 10.57
C THR B 67 11.59 17.68 11.68
N ASN B 68 11.55 16.38 11.37
CA ASN B 68 11.02 15.42 12.32
C ASN B 68 11.70 14.05 12.30
N VAL B 69 12.73 13.93 11.45
CA VAL B 69 13.48 12.68 11.25
C VAL B 69 12.58 11.55 10.69
N TYR B 70 11.49 11.91 10.02
CA TYR B 70 10.63 10.91 9.37
C TYR B 70 11.22 10.50 8.04
N ILE B 71 11.21 9.20 7.78
CA ILE B 71 11.61 8.68 6.49
C ILE B 71 10.49 8.95 5.50
N MET B 72 10.85 9.49 4.35
CA MET B 72 9.88 9.84 3.30
C MET B 72 9.74 8.75 2.23
N GLY B 73 10.84 8.08 1.92
CA GLY B 73 10.87 7.12 0.84
C GLY B 73 12.31 6.78 0.52
N TYR B 74 12.51 6.03 -0.54
CA TYR B 74 13.85 5.60 -0.90
C TYR B 74 13.99 5.41 -2.40
N LEU B 75 15.24 5.43 -2.84
CA LEU B 75 15.62 5.22 -4.23
C LEU B 75 16.43 3.94 -4.36
N VAL B 76 16.07 3.12 -5.34
CA VAL B 76 16.86 1.97 -5.72
C VAL B 76 16.86 1.93 -7.25
N ASN B 77 18.02 1.67 -7.85
CA ASN B 77 18.13 1.68 -9.32
C ASN B 77 17.62 3.03 -9.83
N SER B 78 16.55 3.02 -10.64
CA SER B 78 15.97 4.26 -11.17
C SER B 78 14.52 4.45 -10.72
N THR B 79 14.14 3.80 -9.63
CA THR B 79 12.80 3.90 -9.10
C THR B 79 12.84 4.42 -7.68
N SER B 80 12.01 5.43 -7.39
CA SER B 80 11.85 5.87 -6.01
C SER B 80 10.48 5.44 -5.48
N TYR B 81 10.43 5.06 -4.21
CA TYR B 81 9.21 4.64 -3.54
C TYR B 81 8.94 5.56 -2.37
N PHE B 82 7.76 6.17 -2.35
CA PHE B 82 7.41 7.13 -1.31
C PHE B 82 6.19 6.70 -0.51
N PHE B 83 6.21 6.99 0.78
CA PHE B 83 5.04 6.74 1.61
C PHE B 83 3.84 7.49 1.09
N ASN B 84 2.67 6.92 1.31
CA ASN B 84 1.47 7.60 0.93
C ASN B 84 0.98 8.57 2.00
N GLU B 85 1.58 9.74 1.98
CA GLU B 85 1.25 10.81 2.90
C GLU B 85 1.73 12.11 2.26
N SER B 86 1.09 13.21 2.61
CA SER B 86 1.34 14.47 1.92
C SER B 86 2.80 14.95 2.02
N ASP B 87 3.43 14.74 3.17
CA ASP B 87 4.81 15.20 3.33
C ASP B 87 5.80 14.38 2.47
N ALA B 88 5.46 13.13 2.18
CA ALA B 88 6.32 12.28 1.34
C ALA B 88 6.10 12.62 -0.13
N LYS B 89 4.85 12.89 -0.52
CA LYS B 89 4.58 13.37 -1.87
C LYS B 89 5.34 14.67 -2.14
N LEU B 90 5.36 15.55 -1.16
CA LEU B 90 6.15 16.77 -1.26
C LEU B 90 7.63 16.44 -1.49
N ALA B 91 8.19 15.57 -0.66
CA ALA B 91 9.59 15.15 -0.81
C ALA B 91 9.90 14.68 -2.23
N SER B 92 8.96 13.96 -2.85
CA SER B 92 9.17 13.43 -4.21
C SER B 92 9.35 14.51 -5.28
N GLN B 93 8.99 15.75 -4.94
CA GLN B 93 9.20 16.88 -5.86
C GLN B 93 10.62 17.43 -5.80
N TYR B 94 11.38 17.03 -4.77
CA TYR B 94 12.68 17.64 -4.47
C TYR B 94 13.87 16.69 -4.39
N VAL B 95 13.63 15.41 -4.18
CA VAL B 95 14.72 14.43 -4.10
C VAL B 95 14.54 13.36 -5.17
N PHE B 96 15.65 12.71 -5.53
CA PHE B 96 15.66 11.62 -6.50
C PHE B 96 15.12 12.08 -7.85
N ALA B 97 15.57 13.26 -8.29
CA ALA B 97 15.10 13.86 -9.54
C ALA B 97 15.41 12.93 -10.69
N GLY B 98 14.42 12.70 -11.56
CA GLY B 98 14.61 11.84 -12.73
C GLY B 98 14.19 10.40 -12.52
N SER B 99 14.06 10.00 -11.25
CA SER B 99 13.59 8.65 -10.94
C SER B 99 12.12 8.49 -11.30
N THR B 100 11.68 7.25 -11.49
CA THR B 100 10.26 6.95 -11.64
C THR B 100 9.65 6.77 -10.25
N ILE B 101 8.63 7.56 -9.93
CA ILE B 101 8.01 7.58 -8.59
C ILE B 101 6.91 6.56 -8.45
N VAL B 102 6.97 5.76 -7.39
CA VAL B 102 5.94 4.78 -7.06
C VAL B 102 5.43 5.05 -5.66
N THR B 103 4.12 5.16 -5.50
CA THR B 103 3.52 5.35 -4.18
C THR B 103 3.39 4.02 -3.47
N LEU B 104 3.88 3.98 -2.23
CA LEU B 104 3.73 2.80 -1.39
C LEU B 104 2.28 2.72 -0.87
N PRO B 105 1.78 1.50 -0.63
CA PRO B 105 0.39 1.33 -0.15
C PRO B 105 0.16 1.57 1.34
N TYR B 106 0.97 2.44 1.94
CA TYR B 106 0.84 2.80 3.35
C TYR B 106 1.57 4.10 3.58
N SER B 107 1.16 4.81 4.63
CA SER B 107 1.91 5.95 5.12
C SER B 107 3.05 5.40 5.96
N GLY B 108 3.87 6.31 6.49
CA GLY B 108 5.04 5.93 7.27
C GLY B 108 4.81 5.86 8.77
N ASN B 109 3.57 6.05 9.23
CA ASN B 109 3.38 5.98 10.68
C ASN B 109 3.33 4.55 11.16
N TYR B 110 3.75 4.36 12.41
CA TYR B 110 3.90 3.04 12.99
C TYR B 110 2.63 2.19 12.93
N GLU B 111 1.49 2.80 13.24
CA GLU B 111 0.24 2.05 13.23
C GLU B 111 -0.10 1.49 11.84
N LYS B 112 0.06 2.31 10.80
CA LYS B 112 -0.22 1.86 9.44
C LYS B 112 0.79 0.82 8.95
N LEU B 113 2.06 1.00 9.29
CA LEU B 113 3.11 0.06 8.90
C LEU B 113 2.92 -1.28 9.60
N GLN B 114 2.55 -1.23 10.88
CA GLN B 114 2.29 -2.46 11.64
C GLN B 114 1.13 -3.25 11.04
N THR B 115 0.05 -2.55 10.68
CA THR B 115 -1.10 -3.16 10.00
C THR B 115 -0.68 -3.78 8.67
N ALA B 116 0.12 -3.05 7.89
CA ALA B 116 0.62 -3.55 6.61
C ALA B 116 1.53 -4.78 6.75
N ALA B 117 2.33 -4.80 7.81
CA ALA B 117 3.28 -5.87 8.08
C ALA B 117 2.61 -7.09 8.73
N GLY B 118 1.44 -6.87 9.34
CA GLY B 118 0.75 -7.91 10.10
C GLY B 118 1.44 -8.24 11.42
N LYS B 119 2.30 -7.33 11.87
CA LYS B 119 3.13 -7.54 13.06
C LYS B 119 3.37 -6.21 13.76
N ILE B 120 3.32 -6.23 15.09
CA ILE B 120 3.66 -5.06 15.90
C ILE B 120 5.18 -5.00 16.14
N ARG B 121 5.69 -3.79 16.37
CA ARG B 121 7.13 -3.53 16.59
C ARG B 121 7.73 -4.44 17.65
N GLU B 122 6.94 -4.72 18.68
CA GLU B 122 7.38 -5.55 19.80
C GLU B 122 7.78 -6.97 19.38
N LYS B 123 7.30 -7.40 18.22
CA LYS B 123 7.54 -8.76 17.74
C LYS B 123 8.54 -8.83 16.59
N ILE B 124 9.07 -7.69 16.17
CA ILE B 124 9.99 -7.64 15.03
C ILE B 124 11.44 -7.51 15.50
N PRO B 125 12.27 -8.55 15.25
CA PRO B 125 13.66 -8.49 15.69
C PRO B 125 14.45 -7.37 15.03
N LEU B 126 15.32 -6.73 15.81
CA LEU B 126 16.24 -5.71 15.34
C LEU B 126 17.67 -6.18 15.51
N GLY B 127 18.59 -5.50 14.83
CA GLY B 127 20.02 -5.82 14.87
C GLY B 127 20.66 -5.60 13.52
N PHE B 128 21.97 -5.85 13.43
CA PHE B 128 22.65 -5.70 12.16
C PHE B 128 22.14 -6.71 11.14
N PRO B 129 22.00 -7.99 11.52
CA PRO B 129 21.45 -8.89 10.50
C PRO B 129 20.05 -8.50 10.04
N ALA B 130 19.20 -8.01 10.95
CA ALA B 130 17.86 -7.56 10.61
C ALA B 130 17.90 -6.40 9.63
N LEU B 131 18.87 -5.50 9.84
CA LEU B 131 19.07 -4.38 8.94
C LEU B 131 19.52 -4.83 7.55
N ASP B 132 20.42 -5.81 7.51
CA ASP B 132 20.84 -6.39 6.23
C ASP B 132 19.62 -6.93 5.48
N SER B 133 18.78 -7.71 6.17
CA SER B 133 17.59 -8.30 5.55
C SER B 133 16.61 -7.23 5.07
N ALA B 134 16.44 -6.18 5.87
CA ALA B 134 15.53 -5.09 5.54
C ALA B 134 15.98 -4.36 4.28
N ILE B 135 17.28 -4.10 4.18
CA ILE B 135 17.83 -3.43 3.00
C ILE B 135 17.61 -4.29 1.76
N THR B 136 17.86 -5.59 1.88
CA THR B 136 17.68 -6.52 0.76
C THR B 136 16.22 -6.52 0.29
N THR B 137 15.30 -6.55 1.24
CA THR B 137 13.87 -6.51 0.94
C THR B 137 13.51 -5.26 0.13
N LEU B 138 13.99 -4.10 0.57
CA LEU B 138 13.68 -2.87 -0.14
C LEU B 138 14.43 -2.79 -1.47
N PHE B 139 15.65 -3.33 -1.51
CA PHE B 139 16.43 -3.33 -2.74
C PHE B 139 15.69 -4.03 -3.87
N HIS B 140 14.93 -5.08 -3.53
CA HIS B 140 14.16 -5.82 -4.55
C HIS B 140 12.68 -5.45 -4.57
N TYR B 141 12.31 -4.42 -3.81
CA TYR B 141 10.91 -4.10 -3.49
C TYR B 141 10.05 -5.36 -3.35
N ASP B 142 10.41 -6.17 -2.36
CA ASP B 142 9.59 -7.30 -1.99
C ASP B 142 8.42 -6.78 -1.15
N SER B 143 7.30 -6.54 -1.83
CA SER B 143 6.11 -5.97 -1.20
C SER B 143 5.46 -6.86 -0.15
N THR B 144 5.83 -8.13 -0.11
CA THR B 144 5.33 -8.98 0.96
C THR B 144 5.99 -8.67 2.31
N ALA B 145 7.17 -8.04 2.26
CA ALA B 145 7.95 -7.85 3.48
C ALA B 145 8.43 -6.40 3.65
N ALA B 146 8.03 -5.53 2.73
CA ALA B 146 8.52 -4.15 2.75
C ALA B 146 8.11 -3.33 3.98
N ALA B 147 6.87 -3.47 4.43
CA ALA B 147 6.42 -2.70 5.61
C ALA B 147 7.28 -3.03 6.82
N ALA B 148 7.51 -4.31 7.05
CA ALA B 148 8.34 -4.76 8.16
C ALA B 148 9.77 -4.27 8.00
N ALA B 149 10.28 -4.27 6.76
CA ALA B 149 11.61 -3.74 6.47
C ALA B 149 11.71 -2.26 6.86
N PHE B 150 10.67 -1.47 6.55
CA PHE B 150 10.63 -0.08 6.98
C PHE B 150 10.64 0.04 8.49
N LEU B 151 9.87 -0.79 9.18
CA LEU B 151 9.87 -0.80 10.65
C LEU B 151 11.27 -1.06 11.22
N VAL B 152 12.01 -1.97 10.61
CA VAL B 152 13.40 -2.22 11.00
C VAL B 152 14.29 -0.99 10.73
N ILE B 153 14.25 -0.50 9.49
CA ILE B 153 15.11 0.63 9.10
C ILE B 153 14.84 1.90 9.90
N ILE B 154 13.56 2.24 10.09
CA ILE B 154 13.19 3.43 10.86
C ILE B 154 13.78 3.39 12.28
N GLN B 155 13.66 2.24 12.93
CA GLN B 155 14.13 2.14 14.30
C GLN B 155 15.65 2.15 14.40
N THR B 156 16.31 1.59 13.38
CA THR B 156 17.76 1.40 13.41
C THR B 156 18.50 2.67 12.99
N THR B 157 17.77 3.63 12.43
CA THR B 157 18.39 4.85 11.90
C THR B 157 17.79 6.06 12.65
N ALA B 158 16.54 6.41 12.35
CA ALA B 158 15.90 7.57 12.97
C ALA B 158 15.77 7.46 14.48
N GLU B 159 15.27 6.34 14.98
CA GLU B 159 15.05 6.23 16.42
C GLU B 159 16.37 6.17 17.18
N SER B 160 17.35 5.48 16.60
CA SER B 160 18.70 5.43 17.13
C SER B 160 19.32 6.83 17.18
N SER B 161 19.07 7.65 16.16
CA SER B 161 19.56 9.02 16.16
C SER B 161 18.91 9.87 17.25
N ARG B 162 17.65 9.59 17.57
CA ARG B 162 16.91 10.35 18.58
C ARG B 162 17.29 9.99 20.00
N PHE B 163 17.74 8.76 20.23
CA PHE B 163 17.99 8.27 21.59
C PHE B 163 19.25 7.43 21.70
N LYS B 164 20.18 7.88 22.54
CA LYS B 164 21.42 7.15 22.81
C LYS B 164 21.13 5.72 23.26
N TYR B 165 20.07 5.55 24.05
CA TYR B 165 19.70 4.23 24.55
C TYR B 165 19.39 3.25 23.41
N ILE B 166 18.65 3.74 22.41
CA ILE B 166 18.29 2.91 21.25
C ILE B 166 19.53 2.59 20.40
N GLU B 167 20.40 3.58 20.20
CA GLU B 167 21.69 3.32 19.56
C GLU B 167 22.41 2.14 20.20
N GLY B 168 22.47 2.15 21.54
CA GLY B 168 23.10 1.06 22.30
C GLY B 168 22.40 -0.28 22.14
N GLN B 169 21.07 -0.25 22.05
CA GLN B 169 20.28 -1.46 21.83
C GLN B 169 20.61 -2.14 20.50
N ILE B 170 20.80 -1.33 19.44
CA ILE B 170 21.17 -1.89 18.14
C ILE B 170 22.57 -2.49 18.19
N ILE B 171 23.49 -1.81 18.88
CA ILE B 171 24.86 -2.32 19.06
C ILE B 171 24.87 -3.67 19.77
N MET B 172 24.00 -3.84 20.77
CA MET B 172 23.85 -5.13 21.48
C MET B 172 23.46 -6.26 20.53
N ARG B 173 22.81 -5.89 19.41
CA ARG B 173 22.28 -6.86 18.46
C ARG B 173 23.11 -6.89 17.17
N ILE B 174 24.41 -6.62 17.29
CA ILE B 174 25.31 -6.61 16.14
C ILE B 174 25.46 -7.99 15.50
N SER B 175 25.49 -9.04 16.32
CA SER B 175 25.71 -10.40 15.83
C SER B 175 24.42 -11.24 15.81
N LYS B 176 23.53 -10.97 16.75
CA LYS B 176 22.30 -11.73 16.90
C LYS B 176 21.12 -10.76 17.07
N ASN B 177 20.13 -10.88 16.18
CA ASN B 177 18.92 -10.07 16.27
C ASN B 177 18.18 -10.31 17.57
N GLY B 178 17.40 -9.32 17.99
CA GLY B 178 16.49 -9.49 19.11
C GLY B 178 15.40 -8.44 19.09
N VAL B 179 14.20 -8.84 19.50
CA VAL B 179 13.09 -7.92 19.67
C VAL B 179 13.49 -6.72 20.56
N PRO B 180 12.93 -5.52 20.26
CA PRO B 180 13.27 -4.35 21.09
C PRO B 180 12.83 -4.48 22.54
N SER B 181 13.56 -3.81 23.44
CA SER B 181 13.21 -3.76 24.84
C SER B 181 11.97 -2.89 25.02
N LEU B 182 11.34 -3.01 26.19
CA LEU B 182 10.18 -2.20 26.54
C LEU B 182 10.49 -0.71 26.53
N ALA B 183 11.68 -0.35 27.01
CA ALA B 183 12.14 1.03 27.02
C ALA B 183 12.25 1.60 25.60
N THR B 184 12.78 0.79 24.68
CA THR B 184 12.92 1.19 23.29
C THR B 184 11.58 1.63 22.70
N ILE B 185 10.57 0.77 22.85
CA ILE B 185 9.23 1.08 22.32
C ILE B 185 8.65 2.33 22.98
N SER B 186 8.77 2.39 24.30
CA SER B 186 8.29 3.54 25.07
C SER B 186 8.89 4.87 24.62
N LEU B 187 10.22 4.90 24.45
CA LEU B 187 10.90 6.12 24.03
C LEU B 187 10.46 6.55 22.64
N GLU B 188 10.30 5.57 21.74
CA GLU B 188 9.78 5.84 20.40
C GLU B 188 8.41 6.51 20.50
N ASN B 189 7.52 5.89 21.29
CA ASN B 189 6.16 6.39 21.46
C ASN B 189 6.08 7.76 22.12
N GLU B 190 7.06 8.08 22.96
CA GLU B 190 7.01 9.31 23.75
C GLU B 190 7.95 10.42 23.26
N TRP B 191 8.62 10.19 22.13
CA TRP B 191 9.57 11.18 21.63
C TRP B 191 8.96 12.57 21.46
N SER B 192 7.78 12.65 20.84
CA SER B 192 7.15 13.95 20.61
C SER B 192 6.73 14.61 21.92
N ALA B 193 6.22 13.81 22.85
CA ALA B 193 5.81 14.30 24.17
C ALA B 193 7.01 14.81 24.96
N LEU B 194 8.08 14.00 25.00
CA LEU B 194 9.33 14.46 25.64
C LEU B 194 9.85 15.76 25.04
N SER B 195 9.86 15.84 23.71
CA SER B 195 10.32 17.03 23.00
C SER B 195 9.53 18.27 23.42
N LYS B 196 8.21 18.13 23.48
CA LYS B 196 7.33 19.24 23.86
C LYS B 196 7.61 19.70 25.29
N GLN B 197 7.67 18.74 26.21
CA GLN B 197 7.79 19.04 27.64
C GLN B 197 9.17 19.60 28.00
N ILE B 198 10.22 19.09 27.37
CA ILE B 198 11.57 19.61 27.60
C ILE B 198 11.64 21.08 27.23
N GLN B 199 11.00 21.45 26.13
CA GLN B 199 10.93 22.86 25.71
C GLN B 199 10.05 23.73 26.61
N LEU B 200 8.92 23.18 27.05
CA LEU B 200 8.06 23.90 27.99
C LEU B 200 8.77 24.16 29.32
N ALA B 201 9.70 23.27 29.67
CA ALA B 201 10.43 23.36 30.94
C ALA B 201 11.32 24.60 31.03
N GLN B 202 11.79 25.09 29.88
CA GLN B 202 12.65 26.27 29.81
C GLN B 202 12.07 27.49 30.54
N THR B 203 10.78 27.71 30.39
CA THR B 203 10.11 28.86 31.00
C THR B 203 9.31 28.46 32.23
N ASN B 204 9.53 27.24 32.70
CA ASN B 204 8.89 26.71 33.89
C ASN B 204 9.92 26.18 34.91
N ASN B 205 11.07 26.86 34.95
CA ASN B 205 12.17 26.52 35.89
C ASN B 205 12.56 25.04 35.87
N THR B 207 10.56 22.28 35.14
CA THR B 207 9.53 21.28 35.39
C THR B 207 8.62 21.13 34.16
N PHE B 208 8.29 19.88 33.84
CA PHE B 208 7.36 19.55 32.76
C PHE B 208 5.97 20.04 33.16
N LYS B 209 5.27 20.66 32.21
CA LYS B 209 3.88 21.08 32.42
C LYS B 209 2.97 19.87 32.58
N THR B 210 3.29 18.80 31.86
CA THR B 210 2.58 17.53 31.97
C THR B 210 3.62 16.40 31.97
N PRO B 211 3.63 15.57 33.03
CA PRO B 211 4.61 14.49 33.11
C PRO B 211 4.51 13.47 31.97
N VAL B 212 5.63 12.82 31.66
CA VAL B 212 5.68 11.81 30.60
C VAL B 212 6.01 10.45 31.21
N VAL B 213 5.21 9.44 30.87
CA VAL B 213 5.41 8.09 31.38
C VAL B 213 6.19 7.24 30.38
N ILE B 214 7.30 6.65 30.83
CA ILE B 214 8.23 5.92 29.95
C ILE B 214 8.70 4.55 30.48
N ARG B 221 7.26 1.22 35.03
CA ARG B 221 6.49 2.44 34.81
C ARG B 221 7.09 3.58 35.64
N VAL B 222 7.78 4.50 34.94
CA VAL B 222 8.43 5.64 35.58
C VAL B 222 7.87 6.95 35.05
N GLU B 223 7.60 7.89 35.94
CA GLU B 223 7.10 9.21 35.58
C GLU B 223 8.25 10.20 35.44
N ILE B 224 8.32 10.84 34.28
CA ILE B 224 9.32 11.87 34.01
C ILE B 224 8.65 13.22 34.18
N GLY B 225 9.15 14.03 35.12
CA GLY B 225 8.49 15.30 35.46
C GLY B 225 9.37 16.53 35.34
N ASN B 226 10.69 16.33 35.20
CA ASN B 226 11.62 17.44 35.12
C ASN B 226 12.92 17.10 34.40
N VAL B 227 13.67 18.14 34.03
CA VAL B 227 14.87 18.02 33.19
C VAL B 227 16.09 17.36 33.87
N GLY B 228 15.92 16.93 35.12
CA GLY B 228 16.98 16.22 35.83
C GLY B 228 17.00 14.73 35.54
N SER B 229 15.93 14.24 34.91
CA SER B 229 15.83 12.84 34.51
C SER B 229 16.94 12.44 33.56
N LYS B 230 17.38 11.19 33.68
CA LYS B 230 18.43 10.64 32.80
C LYS B 230 17.98 10.60 31.34
N VAL B 231 16.68 10.45 31.13
CA VAL B 231 16.09 10.49 29.78
C VAL B 231 16.42 11.83 29.09
N VAL B 232 16.43 12.90 29.88
CA VAL B 232 16.72 14.24 29.38
C VAL B 232 18.22 14.55 29.32
N THR B 233 18.96 14.16 30.35
CA THR B 233 20.37 14.52 30.47
C THR B 233 21.33 13.59 29.71
N LYS B 234 20.94 12.31 29.57
CA LYS B 234 21.85 11.27 29.09
C LYS B 234 21.19 10.27 28.13
N ASN B 235 20.23 10.73 27.34
CA ASN B 235 19.52 9.83 26.41
C ASN B 235 19.08 10.54 25.13
N ILE B 236 18.07 11.40 25.25
CA ILE B 236 17.51 12.06 24.07
C ILE B 236 18.55 12.94 23.37
N GLN B 237 18.61 12.87 22.05
CA GLN B 237 19.64 13.59 21.29
C GLN B 237 19.11 14.61 20.30
N LEU B 238 17.81 14.52 20.00
CA LEU B 238 17.15 15.41 19.06
C LEU B 238 15.76 15.75 19.58
N LEU B 239 15.37 17.00 19.43
CA LEU B 239 14.05 17.46 19.87
C LEU B 239 13.18 17.91 18.70
N LEU B 240 11.98 17.34 18.62
CA LEU B 240 10.96 17.79 17.68
C LEU B 240 10.53 19.21 18.04
N ASN B 241 10.38 20.06 17.03
CA ASN B 241 10.10 21.48 17.24
C ASN B 241 8.75 21.81 16.63
C1 NAG C . -29.40 -9.47 6.35
C2 NAG C . -29.79 -10.89 6.02
C3 NAG C . -31.02 -10.45 5.30
C4 NAG C . -31.96 -9.75 6.29
C5 NAG C . -31.23 -8.67 7.13
C6 NAG C . -32.08 -8.15 8.29
C7 NAG C . -28.29 -12.79 5.54
C8 NAG C . -27.61 -13.54 4.44
N2 NAG C . -28.83 -11.61 5.20
O1 NAG C . -28.07 -9.12 6.03
O3 NAG C . -31.61 -11.55 4.67
O4 NAG C . -33.01 -9.15 5.55
O5 NAG C . -29.98 -9.15 7.61
O6 NAG C . -31.62 -6.85 8.64
O7 NAG C . -28.33 -13.25 6.70
C1 NAG D . -11.10 -24.00 -0.73
C2 NAG D . -11.32 -25.30 0.04
C3 NAG D . -10.13 -26.24 -0.15
C4 NAG D . -9.86 -26.45 -1.64
C5 NAG D . -9.78 -25.12 -2.40
C6 NAG D . -9.77 -25.38 -3.90
C7 NAG D . -12.76 -25.14 1.98
C8 NAG D . -13.17 -26.49 2.53
N2 NAG D . -11.55 -25.04 1.45
O1 NAG D . -12.27 -23.21 -0.64
O3 NAG D . -10.41 -27.47 0.47
O4 NAG D . -8.65 -27.15 -1.80
O5 NAG D . -10.87 -24.27 -2.10
O6 NAG D . -8.45 -25.63 -4.31
O7 NAG D . -13.53 -24.18 2.07
O1 PG4 E . -4.76 -1.21 4.50
C1 PG4 E . -5.22 -1.55 3.19
C2 PG4 E . -6.29 -2.64 3.29
O2 PG4 E . -7.54 -2.04 3.66
C3 PG4 E . -8.35 -2.95 4.41
C4 PG4 E . -8.96 -2.22 5.61
O3 PG4 E . -9.60 -3.17 6.45
C5 PG4 E . -10.08 -2.57 7.67
C6 PG4 E . -9.50 -3.32 8.86
O4 PG4 E . -8.14 -2.89 9.07
C7 PG4 E . -7.80 -2.93 10.46
C8 PG4 E . -6.77 -1.84 10.76
O5 PG4 E . -7.40 -0.55 10.71
C1 NAG F . 16.72 -3.85 -10.06
C2 NAG F . 15.90 -4.33 -8.84
C3 NAG F . 16.57 -5.48 -8.15
C4 NAG F . 17.56 -6.14 -9.12
C5 NAG F . 18.69 -5.17 -9.45
C6 NAG F . 19.65 -5.77 -10.47
C7 NAG F . 14.22 -2.75 -8.13
C8 NAG F . 13.25 -2.48 -7.00
N2 NAG F . 15.35 -3.39 -7.84
O1 NAG F . 16.24 -4.53 -11.21
O3 NAG F . 15.49 -6.31 -7.80
O4 NAG F . 18.10 -7.30 -8.56
O5 NAG F . 18.15 -3.97 -9.98
O6 NAG F . 20.90 -5.11 -10.46
O7 NAG F . 13.94 -2.39 -9.26
C1 NAG G . -3.33 6.41 -0.76
C2 NAG G . -4.05 5.25 -1.41
C3 NAG G . -5.34 5.75 -2.04
C4 NAG G . -6.14 6.60 -1.05
C5 NAG G . -5.26 7.70 -0.45
C6 NAG G . -6.00 8.57 0.56
C7 NAG G . -2.40 3.60 -2.20
C8 NAG G . -2.74 2.71 -1.04
N2 NAG G . -3.20 4.64 -2.42
O1 NAG G . -2.22 5.88 -0.07
O3 NAG G . -6.09 4.63 -2.41
O4 NAG G . -7.23 7.17 -1.72
O5 NAG G . -4.14 7.09 0.17
O6 NAG G . -6.14 7.87 1.77
O7 NAG G . -1.42 3.34 -2.91
C1 PEG H . 17.71 9.85 -8.97
O1 PEG H . 17.40 10.15 -10.33
C2 PEG H . 18.88 10.73 -8.52
O2 PEG H . 19.18 10.41 -7.16
C3 PEG H . 20.03 11.35 -6.53
C4 PEG H . 20.04 11.10 -5.03
O4 PEG H . 20.75 9.88 -4.74
C1 PEG I . 2.54 15.94 25.65
O1 PEG I . 3.64 16.78 26.01
C2 PEG I . 1.87 15.42 26.91
O2 PEG I . 2.82 14.69 27.68
C3 PEG I . 2.25 13.51 28.25
C4 PEG I . 3.07 12.29 27.87
O4 PEG I . 2.37 11.50 26.90
#